data_3FW2
#
_entry.id   3FW2
#
_cell.length_a   63.441
_cell.length_b   96.704
_cell.length_c   116.489
_cell.angle_alpha   90.000
_cell.angle_beta   90.000
_cell.angle_gamma   90.000
#
_symmetry.space_group_name_H-M   'P 21 21 21'
#
loop_
_entity.id
_entity.type
_entity.pdbx_description
1 polymer 'thiol-disulfide oxidoreductase'
2 non-polymer 'ACETATE ION'
3 non-polymer 1,2-ETHANEDIOL
4 water water
#
_entity_poly.entity_id   1
_entity_poly.type   'polypeptide(L)'
_entity_poly.pdbx_seq_one_letter_code
;SNAKSEIGKYAPFFSLPNAKGEKITRSSDAFKQKSLLINFWASWNDSISQKQSNSELREIYKKYKKNKYIG(MSE)LGIS
LDVDKQQWKDAIKRDTLDWEQVCDFGGLNSEVAKQYSIYKIPANILLSSDGKILAKNLRGEELKKKIENIVEEA
;
_entity_poly.pdbx_strand_id   A,B,C,D
#
loop_
_chem_comp.id
_chem_comp.type
_chem_comp.name
_chem_comp.formula
ACT non-polymer 'ACETATE ION' 'C2 H3 O2 -1'
EDO non-polymer 1,2-ETHANEDIOL 'C2 H6 O2'
#
# COMPACT_ATOMS: atom_id res chain seq x y z
N ALA A 3 1.14 26.02 24.05
CA ALA A 3 1.76 27.37 24.30
C ALA A 3 3.27 27.37 24.07
N LYS A 4 3.92 26.19 24.15
CA LYS A 4 5.37 26.13 24.03
C LYS A 4 5.84 26.31 22.59
N SER A 5 4.92 26.18 21.62
CA SER A 5 5.28 26.39 20.22
C SER A 5 4.51 27.56 19.59
N GLU A 6 4.16 28.57 20.38
CA GLU A 6 3.59 29.80 19.83
CA GLU A 6 3.61 29.82 19.88
C GLU A 6 4.68 30.72 19.27
N ILE A 7 4.28 31.54 18.30
CA ILE A 7 5.20 32.49 17.66
C ILE A 7 5.94 33.33 18.72
N GLY A 8 7.25 33.51 18.55
CA GLY A 8 8.06 34.29 19.48
C GLY A 8 8.69 33.49 20.63
N LYS A 9 8.23 32.26 20.84
CA LYS A 9 8.80 31.37 21.86
C LYS A 9 10.01 30.72 21.27
N TYR A 10 10.89 30.19 22.11
CA TYR A 10 11.99 29.37 21.62
C TYR A 10 11.45 27.98 21.28
N ALA A 11 11.91 27.44 20.15
CA ALA A 11 11.50 26.11 19.66
C ALA A 11 11.71 25.02 20.74
N PRO A 12 10.71 24.15 21.00
CA PRO A 12 10.99 22.96 21.81
C PRO A 12 12.13 22.09 21.27
N PHE A 13 12.87 21.48 22.17
CA PHE A 13 13.97 20.64 21.73
C PHE A 13 13.48 19.45 20.93
N PHE A 14 14.23 19.09 19.91
CA PHE A 14 14.08 17.79 19.33
C PHE A 14 15.44 17.24 18.92
N SER A 15 15.49 15.91 18.84
CA SER A 15 16.63 15.19 18.40
C SER A 15 16.12 13.91 17.79
N LEU A 16 16.26 13.80 16.48
CA LEU A 16 15.57 12.82 15.68
C LEU A 16 16.49 12.19 14.65
N PRO A 17 16.36 10.87 14.44
CA PRO A 17 17.30 10.19 13.53
C PRO A 17 16.97 10.33 12.05
N ASN A 18 17.98 10.57 11.24
CA ASN A 18 17.89 10.58 9.79
C ASN A 18 17.92 9.15 9.23
N ALA A 19 17.99 8.99 7.91
CA ALA A 19 17.86 7.67 7.35
C ALA A 19 19.02 6.76 7.73
N LYS A 20 20.18 7.36 8.01
CA LYS A 20 21.33 6.61 8.48
C LYS A 20 21.36 6.46 10.00
N GLY A 21 20.33 6.95 10.71
CA GLY A 21 20.21 6.86 12.15
C GLY A 21 20.98 7.89 12.95
N GLU A 22 21.56 8.87 12.27
CA GLU A 22 22.28 9.94 12.97
CA GLU A 22 22.28 9.96 12.92
C GLU A 22 21.24 10.90 13.57
N LYS A 23 21.42 11.27 14.84
CA LYS A 23 20.48 12.21 15.47
C LYS A 23 20.70 13.64 14.99
N ILE A 24 19.64 14.30 14.55
CA ILE A 24 19.71 15.63 14.02
C ILE A 24 18.93 16.54 14.94
N THR A 25 19.47 17.73 15.19
CA THR A 25 18.84 18.76 16.00
C THR A 25 18.92 20.06 15.17
N ARG A 26 18.27 21.11 15.65
CA ARG A 26 18.34 22.42 14.94
C ARG A 26 19.77 23.00 14.93
N SER A 27 20.62 22.48 15.80
CA SER A 27 22.04 22.88 15.86
C SER A 27 23.04 21.93 15.21
N SER A 28 22.55 20.92 14.50
CA SER A 28 23.42 20.07 13.69
C SER A 28 24.14 20.92 12.66
N ASP A 29 25.26 20.42 12.16
CA ASP A 29 26.11 21.23 11.29
C ASP A 29 25.40 21.82 10.08
N ALA A 30 24.45 21.08 9.52
CA ALA A 30 23.74 21.55 8.33
C ALA A 30 22.95 22.82 8.63
N PHE A 31 22.57 23.01 9.91
CA PHE A 31 21.64 24.05 10.28
C PHE A 31 22.16 25.09 11.20
N LYS A 32 23.30 24.84 11.82
CA LYS A 32 23.78 25.82 12.79
C LYS A 32 24.04 27.18 12.16
N GLN A 33 23.60 28.21 12.87
CA GLN A 33 23.70 29.59 12.42
C GLN A 33 22.82 29.94 11.23
N LYS A 34 21.89 29.04 10.90
CA LYS A 34 20.90 29.31 9.87
C LYS A 34 19.49 29.33 10.48
N SER A 35 18.61 30.06 9.85
CA SER A 35 17.18 29.92 10.08
C SER A 35 16.75 28.56 9.51
N LEU A 36 15.65 28.01 10.01
CA LEU A 36 15.31 26.64 9.69
C LEU A 36 13.82 26.51 9.40
N LEU A 37 13.50 26.00 8.21
CA LEU A 37 12.14 25.66 7.83
C LEU A 37 11.94 24.17 8.03
N ILE A 38 11.02 23.85 8.92
CA ILE A 38 10.74 22.45 9.34
C ILE A 38 9.37 22.09 8.82
N ASN A 39 9.31 21.07 7.96
CA ASN A 39 8.03 20.57 7.43
C ASN A 39 7.67 19.22 8.02
N PHE A 40 6.42 19.05 8.36
CA PHE A 40 5.90 17.83 8.94
C PHE A 40 4.95 17.13 7.95
N TRP A 41 5.08 15.80 7.85
CA TRP A 41 4.37 15.05 6.83
C TRP A 41 4.35 13.58 7.26
N ALA A 42 3.69 12.75 6.47
CA ALA A 42 3.83 11.30 6.60
C ALA A 42 3.49 10.60 5.32
N SER A 43 4.14 9.48 5.05
CA SER A 43 3.84 8.74 3.83
C SER A 43 2.42 8.15 3.82
N TRP A 44 1.88 7.90 5.00
CA TRP A 44 0.51 7.43 5.14
C TRP A 44 -0.55 8.55 4.93
N ASN A 45 -0.08 9.79 4.62
CA ASN A 45 -0.97 10.87 4.22
C ASN A 45 -0.49 11.53 2.95
N ASP A 46 -0.57 10.80 1.85
CA ASP A 46 -0.10 11.32 0.54
C ASP A 46 -1.34 11.95 -0.09
N SER A 47 -1.77 13.06 0.52
CA SER A 47 -2.98 13.74 0.17
C SER A 47 -2.72 14.82 -0.89
N ILE A 48 -3.77 15.41 -1.43
CA ILE A 48 -3.59 16.57 -2.33
C ILE A 48 -2.85 17.69 -1.63
N SER A 49 -3.16 17.98 -0.35
CA SER A 49 -2.48 19.06 0.37
CA SER A 49 -2.50 19.03 0.39
C SER A 49 -1.02 18.72 0.54
N GLN A 50 -0.73 17.48 0.87
CA GLN A 50 0.69 17.10 1.01
C GLN A 50 1.44 17.22 -0.34
N LYS A 51 0.81 16.80 -1.42
CA LYS A 51 1.42 16.98 -2.70
C LYS A 51 1.68 18.47 -3.03
N GLN A 52 0.74 19.32 -2.68
CA GLN A 52 0.93 20.76 -2.90
C GLN A 52 2.09 21.28 -2.07
N SER A 53 2.14 20.93 -0.78
CA SER A 53 3.25 21.33 0.05
CA SER A 53 3.25 21.33 0.07
C SER A 53 4.59 20.88 -0.53
N ASN A 54 4.63 19.64 -0.97
CA ASN A 54 5.84 19.08 -1.53
C ASN A 54 6.25 19.87 -2.77
N SER A 55 5.28 20.21 -3.62
CA SER A 55 5.62 21.01 -4.81
C SER A 55 6.28 22.32 -4.40
N GLU A 56 5.72 22.97 -3.39
CA GLU A 56 6.25 24.24 -2.92
C GLU A 56 7.64 24.12 -2.28
N LEU A 57 7.81 23.08 -1.48
CA LEU A 57 9.06 22.83 -0.77
C LEU A 57 10.14 22.42 -1.74
N ARG A 58 9.81 21.63 -2.78
CA ARG A 58 10.83 21.29 -3.79
CA ARG A 58 10.85 21.28 -3.76
C ARG A 58 11.36 22.54 -4.48
N GLU A 59 10.47 23.53 -4.70
CA GLU A 59 10.90 24.79 -5.33
CA GLU A 59 10.87 24.79 -5.34
C GLU A 59 11.81 25.61 -4.44
N ILE A 60 11.48 25.67 -3.14
CA ILE A 60 12.34 26.34 -2.18
C ILE A 60 13.73 25.67 -2.10
N TYR A 61 13.76 24.35 -2.05
CA TYR A 61 15.02 23.62 -1.91
C TYR A 61 15.85 23.87 -3.17
N LYS A 62 15.19 23.83 -4.32
CA LYS A 62 15.92 24.00 -5.58
CA LYS A 62 15.88 24.03 -5.60
C LYS A 62 16.62 25.36 -5.59
N LYS A 63 15.94 26.39 -5.08
CA LYS A 63 16.46 27.74 -5.07
C LYS A 63 17.48 27.98 -3.95
N TYR A 64 17.31 27.31 -2.80
CA TYR A 64 18.09 27.66 -1.61
C TYR A 64 18.97 26.58 -1.04
N LYS A 65 19.25 25.55 -1.83
CA LYS A 65 19.99 24.39 -1.30
C LYS A 65 21.43 24.69 -0.90
N LYS A 66 22.01 25.73 -1.41
CA LYS A 66 23.39 26.02 -1.10
C LYS A 66 23.46 27.42 -0.55
N ASN A 67 22.72 27.70 0.52
CA ASN A 67 22.51 29.07 1.01
C ASN A 67 22.98 29.18 2.44
N LYS A 68 23.62 30.29 2.79
CA LYS A 68 24.20 30.47 4.12
C LYS A 68 23.18 30.72 5.21
N TYR A 69 21.96 31.08 4.83
CA TYR A 69 21.05 31.70 5.79
C TYR A 69 19.83 30.88 6.13
N ILE A 70 19.54 29.87 5.32
CA ILE A 70 18.32 29.08 5.45
C ILE A 70 18.63 27.61 5.22
N GLY A 71 18.08 26.78 6.13
CA GLY A 71 18.11 25.34 6.02
C GLY A 71 16.72 24.74 6.05
N MSE A 72 16.59 23.48 5.63
CA MSE A 72 15.30 22.77 5.60
C MSE A 72 15.40 21.40 6.24
O MSE A 72 16.38 20.63 6.02
CB MSE A 72 14.82 22.63 4.15
CG MSE A 72 14.49 23.92 3.54
SE MSE A 72 14.08 23.64 1.59
CE MSE A 72 12.55 22.41 1.70
N LEU A 73 14.37 21.03 7.00
CA LEU A 73 14.34 19.73 7.64
C LEU A 73 12.90 19.17 7.51
N GLY A 74 12.78 17.94 7.04
CA GLY A 74 11.50 17.25 7.00
C GLY A 74 11.44 16.29 8.17
N ILE A 75 10.34 16.38 8.91
CA ILE A 75 10.03 15.48 10.02
C ILE A 75 8.82 14.67 9.68
N SER A 76 8.98 13.37 9.57
CA SER A 76 7.87 12.48 9.28
C SER A 76 7.23 11.89 10.51
N LEU A 77 5.92 11.73 10.42
CA LEU A 77 5.13 11.02 11.41
C LEU A 77 4.79 9.59 10.96
N ASP A 78 5.57 9.05 10.04
CA ASP A 78 5.48 7.64 9.69
C ASP A 78 5.80 6.71 10.88
N VAL A 79 5.22 5.52 10.81
CA VAL A 79 5.53 4.44 11.77
C VAL A 79 6.33 3.33 11.14
N ASP A 80 6.38 3.29 9.81
CA ASP A 80 7.03 2.23 9.05
C ASP A 80 8.26 2.80 8.31
N LYS A 81 9.44 2.28 8.67
CA LYS A 81 10.64 2.86 8.13
C LYS A 81 10.78 2.70 6.59
N GLN A 82 10.38 1.54 6.07
CA GLN A 82 10.49 1.30 4.64
C GLN A 82 9.51 2.15 3.85
N GLN A 83 8.30 2.35 4.37
CA GLN A 83 7.35 3.24 3.72
C GLN A 83 7.87 4.67 3.69
N TRP A 84 8.51 5.08 4.79
CA TRP A 84 9.11 6.41 4.91
C TRP A 84 10.22 6.59 3.88
N LYS A 85 11.16 5.66 3.84
CA LYS A 85 12.23 5.75 2.86
C LYS A 85 11.74 5.68 1.43
N ASP A 86 10.74 4.84 1.18
CA ASP A 86 10.23 4.72 -0.19
C ASP A 86 9.65 6.06 -0.66
N ALA A 87 8.91 6.74 0.23
CA ALA A 87 8.33 8.06 -0.10
C ALA A 87 9.40 9.11 -0.34
N ILE A 88 10.44 9.10 0.47
CA ILE A 88 11.56 10.08 0.26
C ILE A 88 12.07 9.95 -1.17
N LYS A 89 12.25 8.71 -1.62
CA LYS A 89 12.76 8.47 -2.94
C LYS A 89 11.77 8.88 -4.04
N ARG A 90 10.56 8.37 -3.98
CA ARG A 90 9.50 8.64 -4.97
C ARG A 90 9.14 10.12 -5.09
N ASP A 91 9.03 10.75 -3.93
CA ASP A 91 8.64 12.17 -3.84
C ASP A 91 9.82 13.16 -3.97
N THR A 92 11.04 12.64 -4.18
CA THR A 92 12.28 13.44 -4.28
C THR A 92 12.40 14.48 -3.13
N LEU A 93 12.25 13.98 -1.93
CA LEU A 93 12.35 14.81 -0.69
C LEU A 93 13.83 14.87 -0.31
N ASP A 94 14.56 15.74 -1.00
CA ASP A 94 16.00 15.68 -1.04
C ASP A 94 16.74 16.48 0.06
N TRP A 95 16.02 17.33 0.77
CA TRP A 95 16.50 17.97 1.99
C TRP A 95 16.51 16.97 3.11
N GLU A 96 17.17 17.33 4.19
CA GLU A 96 17.36 16.34 5.29
C GLU A 96 16.00 15.85 5.79
N GLN A 97 15.93 14.57 6.10
CA GLN A 97 14.72 13.90 6.51
C GLN A 97 14.96 13.09 7.79
N VAL A 98 14.09 13.27 8.75
CA VAL A 98 14.16 12.51 10.01
C VAL A 98 12.80 11.90 10.38
N CYS A 99 12.86 10.82 11.20
CA CYS A 99 11.69 10.11 11.64
C CYS A 99 12.09 9.14 12.76
N ASP A 100 11.36 9.15 13.86
CA ASP A 100 11.67 8.23 14.98
C ASP A 100 10.63 7.12 15.06
N PHE A 101 9.73 7.05 14.07
CA PHE A 101 8.69 6.02 13.98
C PHE A 101 7.70 5.95 15.09
N GLY A 102 7.60 6.99 15.88
CA GLY A 102 6.54 7.03 16.92
C GLY A 102 5.18 7.40 16.35
N GLY A 103 5.14 7.91 15.13
CA GLY A 103 3.87 8.33 14.54
C GLY A 103 3.22 9.50 15.19
N LEU A 104 1.87 9.49 15.31
CA LEU A 104 1.20 10.51 16.08
C LEU A 104 1.58 10.51 17.55
N ASN A 105 2.17 9.42 18.03
CA ASN A 105 2.71 9.37 19.41
C ASN A 105 4.18 9.85 19.48
N SER A 106 4.79 10.25 18.37
CA SER A 106 6.16 10.83 18.33
C SER A 106 6.20 12.06 19.24
N GLU A 107 7.19 12.13 20.15
CA GLU A 107 7.22 13.26 21.09
C GLU A 107 7.20 14.60 20.36
N VAL A 108 7.90 14.70 19.26
CA VAL A 108 8.01 15.96 18.51
C VAL A 108 6.63 16.47 18.06
N ALA A 109 5.74 15.55 17.75
CA ALA A 109 4.39 15.92 17.33
C ALA A 109 3.60 16.56 18.43
N LYS A 110 3.77 16.06 19.65
CA LYS A 110 3.16 16.64 20.80
C LYS A 110 3.84 17.95 21.12
N GLN A 111 5.15 17.96 21.12
CA GLN A 111 5.88 19.21 21.50
C GLN A 111 5.57 20.39 20.58
N TYR A 112 5.37 20.10 19.29
CA TYR A 112 5.07 21.12 18.29
C TYR A 112 3.54 21.28 18.07
N SER A 113 2.72 20.60 18.88
CA SER A 113 1.23 20.75 18.84
C SER A 113 0.72 20.60 17.41
N ILE A 114 1.19 19.57 16.72
CA ILE A 114 0.82 19.34 15.31
C ILE A 114 -0.63 18.85 15.30
N TYR A 115 -1.53 19.66 14.74
CA TYR A 115 -2.92 19.31 14.77
C TYR A 115 -3.42 18.72 13.48
N LYS A 116 -2.63 18.90 12.43
CA LYS A 116 -2.87 18.31 11.13
C LYS A 116 -1.58 18.23 10.36
N ILE A 117 -1.53 17.35 9.34
CA ILE A 117 -0.41 17.38 8.39
C ILE A 117 -0.97 17.52 6.99
N PRO A 118 -0.21 18.18 6.10
CA PRO A 118 1.08 18.81 6.33
C PRO A 118 1.04 19.98 7.27
N ALA A 119 2.19 20.28 7.87
CA ALA A 119 2.35 21.49 8.68
C ALA A 119 3.77 21.96 8.47
N ASN A 120 4.05 23.22 8.81
CA ASN A 120 5.43 23.67 8.88
C ASN A 120 5.65 24.74 9.96
N ILE A 121 6.91 25.02 10.23
CA ILE A 121 7.28 26.00 11.23
C ILE A 121 8.61 26.55 10.82
N LEU A 122 8.80 27.85 11.04
CA LEU A 122 10.03 28.56 10.63
C LEU A 122 10.68 29.12 11.85
N LEU A 123 11.95 28.78 12.03
CA LEU A 123 12.74 29.23 13.16
C LEU A 123 13.81 30.20 12.73
N SER A 124 14.07 31.20 13.57
CA SER A 124 15.26 32.02 13.37
C SER A 124 16.52 31.22 13.75
N SER A 125 17.72 31.72 13.45
CA SER A 125 18.96 30.97 13.81
C SER A 125 19.15 30.82 15.30
N ASP A 126 18.53 31.69 16.10
CA ASP A 126 18.56 31.50 17.56
C ASP A 126 17.46 30.61 18.12
N GLY A 127 16.66 29.98 17.24
CA GLY A 127 15.64 29.07 17.67
C GLY A 127 14.27 29.68 17.91
N LYS A 128 14.12 30.97 17.67
CA LYS A 128 12.84 31.63 17.95
C LYS A 128 11.83 31.23 16.85
N ILE A 129 10.56 31.01 17.23
CA ILE A 129 9.52 30.67 16.30
C ILE A 129 9.03 31.93 15.60
N LEU A 130 9.34 32.00 14.30
CA LEU A 130 8.96 33.14 13.45
C LEU A 130 7.57 33.04 12.82
N ALA A 131 7.19 31.86 12.39
CA ALA A 131 5.92 31.66 11.70
C ALA A 131 5.60 30.19 11.65
N LYS A 132 4.33 29.91 11.47
CA LYS A 132 3.86 28.55 11.31
C LYS A 132 2.94 28.46 10.11
N ASN A 133 2.95 27.30 9.47
CA ASN A 133 2.00 26.92 8.44
C ASN A 133 1.96 27.94 7.29
N LEU A 134 3.13 28.37 6.87
CA LEU A 134 3.26 29.32 5.77
C LEU A 134 3.17 28.59 4.47
N ARG A 135 2.52 29.21 3.49
CA ARG A 135 2.31 28.63 2.20
CA ARG A 135 2.49 28.64 2.18
C ARG A 135 2.40 29.68 1.11
N GLY A 136 2.57 29.20 -0.11
CA GLY A 136 2.43 29.99 -1.32
C GLY A 136 3.34 31.19 -1.31
N GLU A 137 2.81 32.31 -1.78
CA GLU A 137 3.61 33.56 -1.87
C GLU A 137 4.10 34.03 -0.54
N GLU A 138 3.32 33.87 0.52
CA GLU A 138 3.72 34.31 1.82
C GLU A 138 5.00 33.56 2.28
N LEU A 139 5.02 32.26 2.05
CA LEU A 139 6.24 31.47 2.38
C LEU A 139 7.42 31.94 1.55
N LYS A 140 7.20 32.05 0.25
CA LYS A 140 8.25 32.55 -0.61
C LYS A 140 8.87 33.86 -0.13
N LYS A 141 8.01 34.79 0.24
CA LYS A 141 8.45 36.09 0.67
CA LYS A 141 8.47 36.10 0.66
C LYS A 141 9.20 36.05 2.01
N LYS A 142 8.74 35.23 2.93
CA LYS A 142 9.40 35.16 4.22
CA LYS A 142 9.37 35.09 4.25
C LYS A 142 10.83 34.60 4.08
N ILE A 143 10.99 33.58 3.25
CA ILE A 143 12.32 33.00 2.98
C ILE A 143 13.18 34.02 2.25
N GLU A 144 12.64 34.63 1.22
CA GLU A 144 13.38 35.73 0.57
C GLU A 144 13.85 36.78 1.58
N ASN A 145 12.99 37.20 2.51
CA ASN A 145 13.37 38.19 3.52
C ASN A 145 14.51 37.75 4.45
N ILE A 146 14.45 36.49 4.87
CA ILE A 146 15.50 35.91 5.70
C ILE A 146 16.82 35.93 4.98
N VAL A 147 16.82 35.49 3.71
CA VAL A 147 18.02 35.51 2.88
C VAL A 147 18.56 36.94 2.69
N GLU A 148 17.68 37.89 2.47
CA GLU A 148 18.07 39.30 2.33
CA GLU A 148 18.10 39.28 2.31
C GLU A 148 18.65 39.86 3.63
N GLU A 149 18.11 39.44 4.77
CA GLU A 149 18.61 39.91 6.07
C GLU A 149 20.03 39.42 6.36
N ALA A 150 20.43 38.34 5.71
CA ALA A 150 21.79 37.81 5.81
C ALA A 150 22.19 37.63 7.24
N ALA B 3 -1.32 1.10 25.98
CA ALA B 3 -1.09 1.43 27.41
C ALA B 3 -2.46 1.30 28.13
N LYS B 4 -3.24 2.38 28.10
CA LYS B 4 -4.62 2.37 28.57
C LYS B 4 -5.55 1.79 27.51
N SER B 5 -5.04 1.57 26.31
CA SER B 5 -5.84 1.05 25.23
C SER B 5 -5.41 -0.35 24.78
N GLU B 6 -4.79 -1.14 25.65
CA GLU B 6 -4.41 -2.54 25.31
C GLU B 6 -5.65 -3.45 25.30
N ILE B 7 -5.61 -4.52 24.50
CA ILE B 7 -6.68 -5.54 24.50
C ILE B 7 -7.01 -6.00 25.93
N GLY B 8 -8.28 -6.10 26.27
CA GLY B 8 -8.68 -6.61 27.59
C GLY B 8 -8.88 -5.54 28.63
N LYS B 9 -8.43 -4.32 28.34
CA LYS B 9 -8.61 -3.17 29.23
C LYS B 9 -9.91 -2.45 28.95
N TYR B 10 -10.44 -1.75 29.96
CA TYR B 10 -11.63 -0.93 29.75
C TYR B 10 -11.21 0.27 28.90
N ALA B 11 -12.03 0.58 27.89
CA ALA B 11 -11.79 1.69 27.01
C ALA B 11 -11.74 3.03 27.80
N PRO B 12 -10.79 3.91 27.48
CA PRO B 12 -10.81 5.22 28.07
C PRO B 12 -12.13 5.94 27.77
N PHE B 13 -12.55 6.72 28.76
CA PHE B 13 -13.72 7.53 28.57
C PHE B 13 -13.55 8.61 27.51
N PHE B 14 -14.65 8.88 26.80
CA PHE B 14 -14.72 10.00 25.88
C PHE B 14 -16.15 10.54 25.88
N SER B 15 -16.27 11.83 25.57
CA SER B 15 -17.57 12.47 25.35
C SER B 15 -17.39 13.54 24.31
N LEU B 16 -17.99 13.33 23.14
CA LEU B 16 -17.67 14.12 21.97
C LEU B 16 -18.93 14.49 21.25
N PRO B 17 -18.97 15.70 20.68
CA PRO B 17 -20.21 16.16 20.11
C PRO B 17 -20.39 15.70 18.67
N ASN B 18 -21.62 15.34 18.36
CA ASN B 18 -21.99 15.12 16.96
C ASN B 18 -22.25 16.45 16.25
N ALA B 19 -22.73 16.41 15.00
CA ALA B 19 -22.83 17.63 14.19
C ALA B 19 -23.86 18.61 14.76
N LYS B 20 -24.88 18.05 15.38
CA LYS B 20 -25.90 18.84 16.07
C LYS B 20 -25.47 19.31 17.45
N GLY B 21 -24.30 18.86 17.92
CA GLY B 21 -23.76 19.28 19.21
C GLY B 21 -24.12 18.38 20.39
N GLU B 22 -24.82 17.28 20.15
CA GLU B 22 -25.14 16.31 21.22
C GLU B 22 -23.89 15.56 21.64
N LYS B 23 -23.64 15.43 22.95
CA LYS B 23 -22.46 14.71 23.47
C LYS B 23 -22.69 13.23 23.45
N ILE B 24 -21.80 12.51 22.78
CA ILE B 24 -21.94 11.08 22.59
C ILE B 24 -20.85 10.39 23.35
N THR B 25 -21.23 9.34 24.08
CA THR B 25 -20.30 8.47 24.79
C THR B 25 -20.61 7.02 24.36
N ARG B 26 -19.79 6.07 24.83
CA ARG B 26 -20.09 4.65 24.56
C ARG B 26 -21.42 4.18 25.17
N SER B 27 -21.95 4.91 26.16
CA SER B 27 -23.21 4.56 26.79
C SER B 27 -24.40 5.36 26.29
N SER B 28 -24.23 6.14 25.25
CA SER B 28 -25.35 6.84 24.64
C SER B 28 -26.41 5.82 24.17
N ASP B 29 -27.65 6.27 24.01
CA ASP B 29 -28.79 5.36 23.78
C ASP B 29 -28.57 4.42 22.61
N ALA B 30 -28.01 4.95 21.52
CA ALA B 30 -27.77 4.16 20.34
C ALA B 30 -26.81 3.00 20.59
N PHE B 31 -25.94 3.10 21.62
CA PHE B 31 -24.86 2.12 21.83
C PHE B 31 -24.97 1.31 23.11
N LYS B 32 -25.87 1.72 24.01
CA LYS B 32 -25.90 1.02 25.31
C LYS B 32 -26.26 -0.41 25.13
N GLN B 33 -25.51 -1.22 25.85
CA GLN B 33 -25.63 -2.67 25.83
CA GLN B 33 -25.62 -2.68 25.83
C GLN B 33 -25.26 -3.30 24.49
N LYS B 34 -24.63 -2.53 23.61
CA LYS B 34 -24.06 -3.08 22.39
C LYS B 34 -22.51 -3.03 22.42
N SER B 35 -21.85 -3.92 21.67
CA SER B 35 -20.46 -3.75 21.36
C SER B 35 -20.35 -2.54 20.45
N LEU B 36 -19.18 -1.94 20.39
CA LEU B 36 -18.99 -0.71 19.66
C LEU B 36 -17.71 -0.74 18.80
N LEU B 37 -17.88 -0.48 17.50
CA LEU B 37 -16.77 -0.31 16.59
C LEU B 37 -16.55 1.20 16.40
N ILE B 38 -15.42 1.68 16.88
CA ILE B 38 -15.02 3.10 16.76
C ILE B 38 -13.95 3.20 15.68
N ASN B 39 -14.18 4.07 14.72
CA ASN B 39 -13.20 4.33 13.68
C ASN B 39 -12.74 5.76 13.76
N PHE B 40 -11.44 5.92 13.60
CA PHE B 40 -10.77 7.22 13.64
C PHE B 40 -10.28 7.61 12.25
N TRP B 41 -10.51 8.87 11.87
CA TRP B 41 -10.24 9.31 10.55
C TRP B 41 -10.08 10.84 10.58
N ALA B 42 -9.82 11.43 9.40
CA ALA B 42 -9.96 12.88 9.21
C ALA B 42 -10.20 13.19 7.75
N SER B 43 -10.96 14.25 7.48
CA SER B 43 -11.31 14.52 6.08
C SER B 43 -10.15 14.88 5.23
N TRP B 44 -9.14 15.43 5.85
CA TRP B 44 -7.94 15.82 5.15
C TRP B 44 -7.01 14.66 4.77
N ASN B 45 -7.27 13.48 5.33
CA ASN B 45 -6.43 12.30 5.08
C ASN B 45 -7.00 11.54 3.88
N ASP B 46 -6.85 12.18 2.72
N ASP B 46 -7.04 12.08 2.68
CA ASP B 46 -7.31 11.62 1.42
CA ASP B 46 -7.74 11.28 1.61
C ASP B 46 -6.41 10.48 0.88
C ASP B 46 -6.92 10.19 0.90
N SER B 47 -6.14 9.47 1.71
CA SER B 47 -5.26 8.36 1.33
C SER B 47 -5.93 7.13 0.81
N ILE B 48 -5.13 6.24 0.22
CA ILE B 48 -5.69 4.95 -0.22
C ILE B 48 -6.24 4.15 0.92
N SER B 49 -5.54 4.14 2.06
CA SER B 49 -6.07 3.43 3.22
CA SER B 49 -6.03 3.46 3.25
C SER B 49 -7.41 4.00 3.67
N GLN B 50 -7.54 5.31 3.69
CA GLN B 50 -8.80 5.93 4.09
C GLN B 50 -9.95 5.58 3.10
N LYS B 51 -9.69 5.58 1.79
CA LYS B 51 -10.72 5.22 0.82
CA LYS B 51 -10.78 5.23 0.87
C LYS B 51 -11.18 3.76 1.00
N GLN B 52 -10.22 2.87 1.24
CA GLN B 52 -10.50 1.46 1.40
CA GLN B 52 -10.49 1.45 1.41
C GLN B 52 -11.21 1.24 2.71
N SER B 53 -10.75 1.96 3.74
CA SER B 53 -11.37 1.85 5.03
C SER B 53 -12.82 2.28 4.94
N ASN B 54 -13.09 3.40 4.27
CA ASN B 54 -14.45 3.88 4.20
C ASN B 54 -15.34 2.87 3.49
N SER B 55 -14.87 2.26 2.42
CA SER B 55 -15.64 1.25 1.73
CA SER B 55 -15.63 1.23 1.72
C SER B 55 -16.01 0.08 2.64
N GLU B 56 -15.02 -0.40 3.39
CA GLU B 56 -15.20 -1.51 4.33
C GLU B 56 -16.21 -1.15 5.39
N LEU B 57 -16.07 0.06 5.95
CA LEU B 57 -16.96 0.45 6.99
C LEU B 57 -18.39 0.66 6.47
N ARG B 58 -18.52 1.21 5.28
CA ARG B 58 -19.86 1.37 4.67
C ARG B 58 -20.55 0.02 4.49
N GLU B 59 -19.78 -1.01 4.17
CA GLU B 59 -20.41 -2.31 3.98
CA GLU B 59 -20.27 -2.40 3.99
C GLU B 59 -20.83 -2.94 5.32
N ILE B 60 -20.05 -2.75 6.38
CA ILE B 60 -20.44 -3.20 7.72
C ILE B 60 -21.73 -2.45 8.14
N TYR B 61 -21.73 -1.16 7.91
CA TYR B 61 -22.93 -0.36 8.25
C TYR B 61 -24.17 -0.82 7.50
N LYS B 62 -24.01 -1.11 6.21
CA LYS B 62 -25.16 -1.54 5.41
CA LYS B 62 -25.13 -1.55 5.38
C LYS B 62 -25.74 -2.83 5.95
N LYS B 63 -24.87 -3.73 6.36
CA LYS B 63 -25.29 -5.03 6.83
C LYS B 63 -25.84 -4.96 8.24
N TYR B 64 -25.25 -4.12 9.10
CA TYR B 64 -25.51 -4.23 10.54
C TYR B 64 -26.15 -2.99 11.19
N LYS B 65 -26.58 -2.02 10.38
CA LYS B 65 -27.20 -0.80 10.90
C LYS B 65 -28.40 -1.00 11.85
N LYS B 66 -29.12 -2.09 11.70
CA LYS B 66 -30.23 -2.38 12.63
C LYS B 66 -29.92 -3.54 13.58
N ASN B 67 -28.68 -3.99 13.61
CA ASN B 67 -28.35 -5.09 14.50
C ASN B 67 -28.33 -4.67 15.96
N LYS B 68 -29.00 -5.44 16.82
CA LYS B 68 -29.07 -5.07 18.24
C LYS B 68 -27.82 -5.30 19.10
N TYR B 69 -26.77 -5.89 18.52
CA TYR B 69 -25.56 -6.23 19.30
C TYR B 69 -24.31 -5.44 18.95
N ILE B 70 -24.39 -4.60 17.90
CA ILE B 70 -23.21 -3.80 17.47
C ILE B 70 -23.68 -2.40 17.07
N GLY B 71 -22.91 -1.40 17.51
CA GLY B 71 -23.05 -0.05 16.99
C GLY B 71 -21.71 0.44 16.43
N MSE B 72 -21.76 1.56 15.70
CA MSE B 72 -20.60 2.13 15.07
C MSE B 72 -20.53 3.62 15.37
O MSE B 72 -21.57 4.34 15.35
CB MSE B 72 -20.63 1.94 13.54
CG MSE B 72 -20.58 0.49 13.11
SE MSE B 72 -20.80 0.28 11.17
CE MSE B 72 -19.20 1.28 10.59
N LEU B 73 -19.29 4.09 15.59
CA LEU B 73 -19.04 5.50 15.90
C LEU B 73 -17.78 5.94 15.15
N GLY B 74 -17.91 7.00 14.35
CA GLY B 74 -16.76 7.65 13.72
C GLY B 74 -16.29 8.86 14.52
N ILE B 75 -15.01 8.88 14.84
CA ILE B 75 -14.35 9.97 15.56
C ILE B 75 -13.39 10.58 14.57
N SER B 76 -13.66 11.84 14.21
CA SER B 76 -12.77 12.57 13.36
C SER B 76 -11.76 13.43 14.11
N LEU B 77 -10.56 13.50 13.55
CA LEU B 77 -9.46 14.31 14.05
C LEU B 77 -9.34 15.62 13.23
N ASP B 78 -10.40 15.93 12.50
CA ASP B 78 -10.53 17.23 11.85
C ASP B 78 -10.49 18.40 12.81
N VAL B 79 -10.02 19.55 12.29
CA VAL B 79 -10.14 20.84 12.96
C VAL B 79 -11.17 21.76 12.27
N ASP B 80 -11.59 21.45 11.05
CA ASP B 80 -12.49 22.32 10.26
C ASP B 80 -13.85 21.65 10.12
N LYS B 81 -14.88 22.23 10.73
CA LYS B 81 -16.19 21.61 10.75
C LYS B 81 -16.81 21.43 9.39
N GLN B 82 -16.58 22.39 8.48
CA GLN B 82 -17.25 22.31 7.16
C GLN B 82 -16.59 21.22 6.35
N GLN B 83 -15.27 21.10 6.48
CA GLN B 83 -14.54 20.00 5.78
C GLN B 83 -14.99 18.64 6.27
N TRP B 84 -15.17 18.54 7.58
CA TRP B 84 -15.68 17.31 8.20
C TRP B 84 -17.07 16.99 7.70
N LYS B 85 -17.99 17.94 7.78
CA LYS B 85 -19.34 17.66 7.32
C LYS B 85 -19.38 17.33 5.83
N ASP B 86 -18.60 18.05 5.02
CA ASP B 86 -18.57 17.81 3.59
C ASP B 86 -18.07 16.38 3.24
N ALA B 87 -17.09 15.89 3.99
CA ALA B 87 -16.64 14.50 3.84
C ALA B 87 -17.70 13.49 4.22
N ILE B 88 -18.41 13.75 5.32
CA ILE B 88 -19.49 12.86 5.80
C ILE B 88 -20.52 12.69 4.69
N LYS B 89 -20.85 13.80 4.01
CA LYS B 89 -21.84 13.75 2.96
CA LYS B 89 -21.85 13.77 2.95
C LYS B 89 -21.30 13.06 1.72
N ARG B 90 -20.12 13.46 1.27
CA ARG B 90 -19.52 12.92 0.07
CA ARG B 90 -19.51 12.92 0.07
C ARG B 90 -19.29 11.39 0.17
N ASP B 91 -18.89 10.93 1.37
CA ASP B 91 -18.48 9.53 1.55
C ASP B 91 -19.57 8.72 2.27
N THR B 92 -20.76 9.32 2.41
CA THR B 92 -21.92 8.70 3.07
CA THR B 92 -21.90 8.64 3.02
C THR B 92 -21.53 7.97 4.38
N LEU B 93 -20.90 8.72 5.27
CA LEU B 93 -20.47 8.25 6.59
C LEU B 93 -21.64 8.41 7.52
N ASP B 94 -22.61 7.51 7.35
CA ASP B 94 -23.94 7.70 7.90
C ASP B 94 -24.22 7.11 9.28
N TRP B 95 -23.28 6.34 9.81
CA TRP B 95 -23.25 6.01 11.22
C TRP B 95 -22.89 7.29 11.99
N GLU B 96 -23.08 7.26 13.31
CA GLU B 96 -22.87 8.44 14.18
C GLU B 96 -21.46 8.97 14.01
N GLN B 97 -21.35 10.30 13.87
CA GLN B 97 -20.06 10.94 13.61
C GLN B 97 -19.86 11.99 14.66
N VAL B 98 -18.70 11.99 15.30
CA VAL B 98 -18.38 13.04 16.28
C VAL B 98 -17.03 13.64 16.01
N CYS B 99 -16.86 14.86 16.46
CA CYS B 99 -15.63 15.62 16.29
C CYS B 99 -15.69 16.85 17.21
N ASP B 100 -14.63 17.11 17.98
CA ASP B 100 -14.57 18.32 18.76
C ASP B 100 -13.61 19.35 18.21
N PHE B 101 -13.07 19.10 17.01
CA PHE B 101 -12.14 20.04 16.32
C PHE B 101 -10.84 20.29 17.01
N GLY B 102 -10.42 19.35 17.87
CA GLY B 102 -9.14 19.49 18.58
C GLY B 102 -7.93 19.05 17.76
N GLY B 103 -8.18 18.18 16.78
CA GLY B 103 -7.20 17.74 15.82
C GLY B 103 -6.36 16.55 16.31
N LEU B 104 -5.20 16.42 15.74
CA LEU B 104 -4.36 15.24 15.96
C LEU B 104 -3.85 15.05 17.39
N ASN B 105 -3.57 16.12 18.08
CA ASN B 105 -3.01 16.10 19.45
CA ASN B 105 -3.03 16.10 19.43
C ASN B 105 -4.09 16.16 20.51
N SER B 106 -5.36 15.94 20.15
CA SER B 106 -6.41 16.09 21.15
C SER B 106 -6.51 14.86 22.04
N GLU B 107 -7.28 15.07 23.12
CA GLU B 107 -7.51 14.14 24.21
C GLU B 107 -7.74 12.72 23.68
N VAL B 108 -8.78 12.54 22.89
CA VAL B 108 -9.17 11.15 22.51
C VAL B 108 -8.10 10.43 21.68
N ALA B 109 -7.36 11.18 20.84
CA ALA B 109 -6.27 10.57 20.03
C ALA B 109 -5.10 10.08 20.91
N LYS B 110 -4.84 10.87 21.91
CA LYS B 110 -3.83 10.51 22.90
CA LYS B 110 -3.87 10.56 22.95
C LYS B 110 -4.37 9.40 23.81
N GLN B 111 -5.61 9.48 24.30
CA GLN B 111 -6.12 8.43 25.23
C GLN B 111 -6.08 7.06 24.53
N TYR B 112 -6.37 7.06 23.21
CA TYR B 112 -6.44 5.83 22.42
C TYR B 112 -5.10 5.46 21.71
N SER B 113 -4.05 6.24 21.90
CA SER B 113 -2.71 5.96 21.36
CA SER B 113 -2.71 5.92 21.37
C SER B 113 -2.78 5.67 19.85
N ILE B 114 -3.55 6.47 19.18
CA ILE B 114 -3.70 6.42 17.71
C ILE B 114 -2.32 6.80 17.15
N TYR B 115 -1.68 5.94 16.36
CA TYR B 115 -0.35 6.30 15.85
CA TYR B 115 -0.32 6.15 15.82
C TYR B 115 -0.41 6.74 14.40
N LYS B 116 -1.51 6.42 13.74
CA LYS B 116 -1.80 6.93 12.38
CA LYS B 116 -1.80 6.92 12.38
C LYS B 116 -3.29 6.80 12.13
N ILE B 117 -3.79 7.44 11.06
CA ILE B 117 -5.15 7.27 10.66
C ILE B 117 -5.14 6.75 9.19
N PRO B 118 -6.23 6.06 8.81
CA PRO B 118 -7.32 5.59 9.60
C PRO B 118 -6.91 4.51 10.65
N ALA B 119 -7.74 4.38 11.67
CA ALA B 119 -7.50 3.37 12.76
C ALA B 119 -8.89 2.97 13.25
N ASN B 120 -9.01 1.84 13.92
CA ASN B 120 -10.27 1.50 14.57
C ASN B 120 -10.05 0.69 15.83
N ILE B 121 -11.10 0.60 16.64
CA ILE B 121 -11.05 -0.21 17.88
C ILE B 121 -12.42 -0.78 18.12
N LEU B 122 -12.47 -2.05 18.61
CA LEU B 122 -13.69 -2.70 18.88
C LEU B 122 -13.79 -2.95 20.39
N LEU B 123 -14.89 -2.49 20.96
CA LEU B 123 -15.18 -2.64 22.39
C LEU B 123 -16.35 -3.59 22.62
N SER B 124 -16.29 -4.38 23.69
CA SER B 124 -17.43 -5.18 24.12
C SER B 124 -18.52 -4.29 24.73
N SER B 125 -19.69 -4.86 25.03
CA SER B 125 -20.78 -4.04 25.53
C SER B 125 -20.42 -3.52 26.93
N ASP B 126 -19.59 -4.27 27.65
CA ASP B 126 -19.11 -3.75 28.94
CA ASP B 126 -19.06 -3.82 28.94
C ASP B 126 -17.96 -2.74 28.80
N GLY B 127 -17.58 -2.39 27.59
CA GLY B 127 -16.49 -1.42 27.44
C GLY B 127 -15.05 -1.95 27.36
N LYS B 128 -14.83 -3.26 27.34
CA LYS B 128 -13.46 -3.79 27.23
C LYS B 128 -12.99 -3.81 25.77
N ILE B 129 -11.71 -3.56 25.57
CA ILE B 129 -11.11 -3.53 24.25
C ILE B 129 -10.87 -4.96 23.75
N LEU B 130 -11.49 -5.29 22.62
CA LEU B 130 -11.45 -6.63 22.04
C LEU B 130 -10.43 -6.77 20.91
N ALA B 131 -10.29 -5.72 20.12
CA ALA B 131 -9.45 -5.75 18.93
C ALA B 131 -9.17 -4.34 18.47
N LYS B 132 -8.13 -4.21 17.66
CA LYS B 132 -7.67 -2.92 17.13
C LYS B 132 -7.30 -3.09 15.68
N ASN B 133 -7.64 -2.06 14.91
CA ASN B 133 -7.20 -1.93 13.54
C ASN B 133 -7.56 -3.12 12.71
N LEU B 134 -8.85 -3.47 12.79
CA LEU B 134 -9.38 -4.58 12.00
C LEU B 134 -9.62 -4.12 10.59
N ARG B 135 -9.28 -4.99 9.63
CA ARG B 135 -9.50 -4.67 8.21
C ARG B 135 -9.97 -5.87 7.43
N GLY B 136 -10.61 -5.63 6.30
CA GLY B 136 -10.80 -6.71 5.34
C GLY B 136 -11.66 -7.82 5.87
N GLU B 137 -11.30 -9.05 5.52
CA GLU B 137 -12.06 -10.21 5.94
CA GLU B 137 -12.10 -10.18 5.97
C GLU B 137 -11.99 -10.41 7.45
N GLU B 138 -10.86 -10.02 8.06
CA GLU B 138 -10.70 -10.14 9.51
C GLU B 138 -11.78 -9.28 10.22
N LEU B 139 -11.95 -8.07 9.76
CA LEU B 139 -13.00 -7.20 10.27
C LEU B 139 -14.38 -7.84 10.11
N LYS B 140 -14.70 -8.30 8.89
CA LYS B 140 -16.03 -8.93 8.65
C LYS B 140 -16.26 -10.09 9.59
N LYS B 141 -15.25 -10.94 9.76
CA LYS B 141 -15.44 -12.12 10.59
CA LYS B 141 -15.43 -12.14 10.59
C LYS B 141 -15.60 -11.78 12.07
N LYS B 142 -14.86 -10.78 12.54
CA LYS B 142 -14.96 -10.36 13.91
C LYS B 142 -16.36 -9.81 14.19
N ILE B 143 -16.92 -9.00 13.29
CA ILE B 143 -18.25 -8.41 13.55
C ILE B 143 -19.31 -9.53 13.51
N GLU B 144 -19.16 -10.45 12.55
CA GLU B 144 -20.07 -11.63 12.46
CA GLU B 144 -20.07 -11.60 12.46
C GLU B 144 -20.06 -12.40 13.78
N ASN B 145 -18.87 -12.60 14.30
CA ASN B 145 -18.71 -13.32 15.54
C ASN B 145 -19.31 -12.57 16.73
N ILE B 146 -19.14 -11.26 16.77
CA ILE B 146 -19.71 -10.41 17.82
C ILE B 146 -21.22 -10.42 17.90
N VAL B 147 -21.91 -10.44 16.77
CA VAL B 147 -23.37 -10.37 16.80
C VAL B 147 -24.04 -11.76 16.88
N GLU B 148 -23.25 -12.83 16.85
CA GLU B 148 -23.84 -14.17 16.82
C GLU B 148 -24.48 -14.47 18.17
N GLU B 149 -25.71 -14.98 18.13
CA GLU B 149 -26.40 -15.32 19.39
C GLU B 149 -26.03 -16.75 19.78
N ALA B 150 -25.82 -16.95 21.09
CA ALA B 150 -25.57 -18.28 21.64
C ALA B 150 -26.82 -19.21 21.57
N ALA C 3 7.12 -29.33 -18.16
CA ALA C 3 6.94 -30.81 -18.11
C ALA C 3 6.98 -31.34 -16.68
N LYS C 4 7.65 -30.64 -15.77
CA LYS C 4 7.89 -31.20 -14.43
CA LYS C 4 7.91 -31.14 -14.41
C LYS C 4 6.65 -31.18 -13.52
N SER C 5 5.63 -30.40 -13.90
CA SER C 5 4.41 -30.30 -13.11
C SER C 5 3.15 -30.61 -13.92
N GLU C 6 3.18 -31.70 -14.71
CA GLU C 6 1.97 -32.14 -15.44
C GLU C 6 1.27 -33.27 -14.69
N ILE C 7 -0.03 -33.41 -14.94
CA ILE C 7 -0.88 -34.40 -14.28
C ILE C 7 -0.22 -35.77 -14.34
N GLY C 8 -0.16 -36.51 -13.22
CA GLY C 8 0.44 -37.83 -13.21
C GLY C 8 1.95 -37.88 -12.93
N LYS C 9 2.66 -36.76 -13.09
CA LYS C 9 4.03 -36.68 -12.62
C LYS C 9 4.06 -36.52 -11.12
N TYR C 10 5.21 -36.76 -10.53
CA TYR C 10 5.39 -36.46 -9.12
C TYR C 10 5.73 -34.96 -8.96
N ALA C 11 5.16 -34.32 -7.95
CA ALA C 11 5.36 -32.90 -7.67
C ALA C 11 6.84 -32.59 -7.41
N PRO C 12 7.39 -31.52 -8.00
CA PRO C 12 8.73 -31.07 -7.66
C PRO C 12 8.89 -30.83 -6.16
N PHE C 13 10.06 -31.19 -5.64
CA PHE C 13 10.34 -30.96 -4.24
C PHE C 13 10.30 -29.48 -3.92
N PHE C 14 9.82 -29.14 -2.74
CA PHE C 14 9.98 -27.79 -2.19
C PHE C 14 10.20 -27.93 -0.69
N SER C 15 10.89 -26.93 -0.16
CA SER C 15 11.08 -26.78 1.27
C SER C 15 11.09 -25.28 1.55
N LEU C 16 10.01 -24.75 2.13
CA LEU C 16 9.81 -23.33 2.18
C LEU C 16 9.41 -22.91 3.59
N PRO C 17 9.92 -21.74 4.06
CA PRO C 17 9.63 -21.33 5.44
C PRO C 17 8.25 -20.74 5.66
N ASN C 18 7.63 -21.13 6.76
CA ASN C 18 6.39 -20.53 7.18
C ASN C 18 6.65 -19.22 7.92
N ALA C 19 5.62 -18.67 8.54
CA ALA C 19 5.77 -17.35 9.15
C ALA C 19 6.71 -17.41 10.37
N LYS C 20 6.79 -18.56 11.02
CA LYS C 20 7.73 -18.78 12.14
C LYS C 20 9.15 -19.21 11.69
N GLY C 21 9.36 -19.33 10.39
CA GLY C 21 10.63 -19.76 9.86
C GLY C 21 10.79 -21.28 9.84
N GLU C 22 9.77 -22.04 10.23
CA GLU C 22 9.89 -23.51 10.08
C GLU C 22 9.84 -23.91 8.59
N LYS C 23 10.74 -24.82 8.20
CA LYS C 23 10.76 -25.31 6.81
C LYS C 23 9.72 -26.38 6.58
N ILE C 24 8.77 -26.05 5.71
CA ILE C 24 7.63 -26.89 5.42
C ILE C 24 7.81 -27.66 4.10
N THR C 25 7.55 -28.97 4.12
CA THR C 25 7.51 -29.83 2.92
C THR C 25 6.21 -30.62 2.89
N ARG C 26 6.01 -31.36 1.82
CA ARG C 26 4.87 -32.29 1.74
CA ARG C 26 4.90 -32.31 1.73
C ARG C 26 4.88 -33.32 2.86
N SER C 27 6.04 -33.56 3.46
CA SER C 27 6.17 -34.53 4.54
C SER C 27 6.09 -33.95 5.95
N SER C 28 5.93 -32.63 6.09
CA SER C 28 5.72 -32.02 7.41
C SER C 28 4.50 -32.62 8.09
N ASP C 29 4.49 -32.61 9.43
CA ASP C 29 3.41 -33.26 10.17
C ASP C 29 2.02 -32.81 9.77
N ALA C 30 1.88 -31.57 9.33
CA ALA C 30 0.54 -31.05 8.95
C ALA C 30 0.03 -31.77 7.71
N PHE C 31 0.93 -32.31 6.90
CA PHE C 31 0.58 -32.83 5.55
C PHE C 31 0.94 -34.27 5.24
N LYS C 32 1.84 -34.89 6.02
CA LYS C 32 2.25 -36.26 5.71
CA LYS C 32 2.26 -36.26 5.69
C LYS C 32 1.06 -37.22 5.65
N GLN C 33 1.03 -38.05 4.61
CA GLN C 33 -0.02 -39.05 4.38
C GLN C 33 -1.34 -38.48 3.96
N LYS C 34 -1.37 -37.20 3.64
CA LYS C 34 -2.62 -36.56 3.14
C LYS C 34 -2.46 -36.10 1.73
N SER C 35 -3.57 -36.01 1.00
CA SER C 35 -3.61 -35.28 -0.23
C SER C 35 -3.37 -33.83 0.13
N LEU C 36 -2.89 -33.02 -0.81
CA LEU C 36 -2.46 -31.66 -0.53
C LEU C 36 -2.89 -30.72 -1.63
N LEU C 37 -3.71 -29.73 -1.27
CA LEU C 37 -4.03 -28.66 -2.16
C LEU C 37 -3.13 -27.43 -1.87
N ILE C 38 -2.36 -27.06 -2.89
CA ILE C 38 -1.38 -25.99 -2.80
C ILE C 38 -1.94 -24.83 -3.60
N ASN C 39 -2.06 -23.67 -2.99
CA ASN C 39 -2.51 -22.46 -3.72
C ASN C 39 -1.40 -21.44 -3.78
N PHE C 40 -1.22 -20.84 -4.94
CA PHE C 40 -0.18 -19.83 -5.21
C PHE C 40 -0.81 -18.46 -5.37
N TRP C 41 -0.19 -17.45 -4.74
CA TRP C 41 -0.78 -16.13 -4.64
C TRP C 41 0.33 -15.10 -4.34
N ALA C 42 -0.04 -13.82 -4.27
CA ALA C 42 0.85 -12.83 -3.71
C ALA C 42 0.05 -11.67 -3.18
N SER C 43 0.53 -11.05 -2.09
CA SER C 43 -0.19 -9.94 -1.46
C SER C 43 -0.33 -8.74 -2.39
N TRP C 44 0.58 -8.58 -3.33
CA TRP C 44 0.51 -7.46 -4.27
C TRP C 44 -0.58 -7.69 -5.34
N ASN C 45 -1.06 -8.92 -5.46
CA ASN C 45 -2.08 -9.25 -6.46
C ASN C 45 -3.40 -9.35 -5.78
N ASP C 46 -3.93 -8.23 -5.35
CA ASP C 46 -5.19 -8.29 -4.57
CA ASP C 46 -5.15 -8.13 -4.57
C ASP C 46 -6.32 -7.97 -5.53
N SER C 47 -6.42 -8.79 -6.58
CA SER C 47 -7.32 -8.66 -7.70
C SER C 47 -8.69 -9.32 -7.44
N ILE C 48 -9.64 -9.05 -8.32
CA ILE C 48 -10.94 -9.74 -8.22
C ILE C 48 -10.74 -11.26 -8.27
N SER C 49 -9.83 -11.77 -9.13
CA SER C 49 -9.61 -13.20 -9.25
CA SER C 49 -9.58 -13.19 -9.24
C SER C 49 -9.03 -13.77 -7.94
N GLN C 50 -8.08 -13.05 -7.35
CA GLN C 50 -7.50 -13.51 -6.10
C GLN C 50 -8.54 -13.51 -4.99
N LYS C 51 -9.35 -12.48 -4.93
CA LYS C 51 -10.44 -12.45 -3.97
C LYS C 51 -11.39 -13.62 -4.15
N GLN C 52 -11.68 -13.97 -5.39
CA GLN C 52 -12.59 -15.07 -5.63
C GLN C 52 -11.99 -16.41 -5.18
N SER C 53 -10.72 -16.62 -5.53
CA SER C 53 -10.00 -17.81 -5.08
CA SER C 53 -9.99 -17.80 -5.07
C SER C 53 -9.99 -17.89 -3.56
N ASN C 54 -9.69 -16.78 -2.89
CA ASN C 54 -9.67 -16.78 -1.44
C ASN C 54 -11.00 -17.14 -0.85
N SER C 55 -12.09 -16.59 -1.42
CA SER C 55 -13.43 -16.91 -0.97
C SER C 55 -13.66 -18.43 -1.01
N GLU C 56 -13.23 -19.05 -2.09
CA GLU C 56 -13.42 -20.47 -2.28
C GLU C 56 -12.58 -21.30 -1.34
N LEU C 57 -11.34 -20.88 -1.18
CA LEU C 57 -10.36 -21.56 -0.34
C LEU C 57 -10.74 -21.45 1.13
N ARG C 58 -11.24 -20.29 1.55
CA ARG C 58 -11.70 -20.16 2.93
CA ARG C 58 -11.68 -20.15 2.92
C ARG C 58 -12.87 -21.10 3.23
N GLU C 59 -13.76 -21.29 2.25
N GLU C 59 -13.76 -21.32 2.26
CA GLU C 59 -14.88 -22.22 2.42
CA GLU C 59 -14.87 -22.23 2.51
C GLU C 59 -14.38 -23.66 2.61
C GLU C 59 -14.39 -23.68 2.61
N ILE C 60 -13.41 -24.04 1.80
CA ILE C 60 -12.82 -25.38 1.88
CA ILE C 60 -12.84 -25.38 1.89
C ILE C 60 -12.13 -25.57 3.22
N TYR C 61 -11.39 -24.55 3.66
CA TYR C 61 -10.67 -24.67 4.93
C TYR C 61 -11.65 -24.78 6.12
N LYS C 62 -12.72 -24.01 6.06
CA LYS C 62 -13.71 -24.04 7.13
C LYS C 62 -14.27 -25.47 7.28
N LYS C 63 -14.51 -26.11 6.15
CA LYS C 63 -15.16 -27.41 6.19
C LYS C 63 -14.17 -28.51 6.51
N TYR C 64 -12.93 -28.38 6.06
CA TYR C 64 -11.96 -29.48 6.11
C TYR C 64 -10.72 -29.20 6.96
N LYS C 65 -10.70 -28.14 7.76
CA LYS C 65 -9.49 -27.85 8.50
C LYS C 65 -8.94 -28.99 9.37
N LYS C 66 -9.73 -29.85 9.93
CA LYS C 66 -9.00 -30.89 10.68
C LYS C 66 -8.93 -32.27 9.99
N ASN C 67 -9.19 -32.26 8.68
CA ASN C 67 -9.52 -33.50 8.02
C ASN C 67 -8.29 -34.41 7.90
N LYS C 68 -8.50 -35.71 8.13
CA LYS C 68 -7.41 -36.66 8.09
CA LYS C 68 -7.41 -36.69 8.08
C LYS C 68 -6.86 -36.92 6.67
N TYR C 69 -7.62 -36.52 5.63
CA TYR C 69 -7.24 -36.90 4.27
C TYR C 69 -6.78 -35.81 3.30
N ILE C 70 -7.01 -34.57 3.66
CA ILE C 70 -6.70 -33.45 2.77
C ILE C 70 -6.05 -32.35 3.61
N GLY C 71 -4.94 -31.81 3.12
CA GLY C 71 -4.30 -30.63 3.75
C GLY C 71 -4.19 -29.50 2.70
N MSE C 72 -4.05 -28.27 3.20
CA MSE C 72 -3.95 -27.06 2.40
C MSE C 72 -2.68 -26.25 2.76
O MSE C 72 -2.34 -26.10 3.94
CB MSE C 72 -5.18 -26.16 2.65
CG MSE C 72 -6.40 -26.74 2.06
SE MSE C 72 -8.01 -25.68 2.49
CE MSE C 72 -7.45 -23.98 1.60
N LEU C 73 -1.99 -25.75 1.74
CA LEU C 73 -0.80 -24.96 1.90
C LEU C 73 -0.84 -23.77 0.91
N GLY C 74 -0.68 -22.55 1.42
CA GLY C 74 -0.47 -21.34 0.58
C GLY C 74 0.97 -21.07 0.37
N ILE C 75 1.37 -20.93 -0.90
CA ILE C 75 2.69 -20.51 -1.28
C ILE C 75 2.58 -19.14 -1.89
N SER C 76 3.19 -18.16 -1.22
CA SER C 76 3.16 -16.80 -1.77
C SER C 76 4.38 -16.52 -2.59
N LEU C 77 4.21 -15.72 -3.64
CA LEU C 77 5.29 -15.23 -4.45
C LEU C 77 5.61 -13.76 -4.10
N ASP C 78 5.21 -13.35 -2.91
CA ASP C 78 5.66 -12.06 -2.39
C ASP C 78 7.19 -11.94 -2.31
N VAL C 79 7.66 -10.71 -2.40
CA VAL C 79 9.02 -10.39 -2.02
C VAL C 79 9.16 -9.68 -0.68
N ASP C 80 8.07 -9.17 -0.11
CA ASP C 80 8.14 -8.30 1.09
C ASP C 80 7.43 -9.09 2.21
N LYS C 81 8.20 -9.48 3.23
CA LYS C 81 7.68 -10.27 4.33
C LYS C 81 6.53 -9.63 5.11
N GLN C 82 6.62 -8.35 5.41
CA GLN C 82 5.57 -7.71 6.18
C GLN C 82 4.29 -7.60 5.38
N GLN C 83 4.40 -7.29 4.08
CA GLN C 83 3.16 -7.23 3.24
C GLN C 83 2.50 -8.60 3.17
N TRP C 84 3.32 -9.67 3.10
CA TRP C 84 2.82 -11.05 3.10
C TRP C 84 2.09 -11.36 4.41
N LYS C 85 2.74 -11.05 5.53
CA LYS C 85 2.12 -11.29 6.88
C LYS C 85 0.85 -10.46 7.05
N ASP C 86 0.86 -9.22 6.59
CA ASP C 86 -0.31 -8.35 6.67
C ASP C 86 -1.52 -8.91 5.91
N ALA C 87 -1.28 -9.45 4.71
CA ALA C 87 -2.32 -10.10 3.94
C ALA C 87 -2.86 -11.35 4.61
N ILE C 88 -1.98 -12.18 5.20
CA ILE C 88 -2.41 -13.41 5.87
C ILE C 88 -3.41 -13.03 6.96
N LYS C 89 -3.13 -11.96 7.67
CA LYS C 89 -4.01 -11.49 8.75
C LYS C 89 -5.34 -10.93 8.24
N ARG C 90 -5.25 -9.96 7.35
CA ARG C 90 -6.42 -9.24 6.81
CA ARG C 90 -6.40 -9.24 6.82
C ARG C 90 -7.33 -10.19 6.06
N ASP C 91 -6.75 -11.09 5.30
CA ASP C 91 -7.54 -11.95 4.41
C ASP C 91 -7.86 -13.29 5.07
N THR C 92 -7.55 -13.42 6.36
CA THR C 92 -7.79 -14.64 7.11
C THR C 92 -7.35 -15.92 6.37
N LEU C 93 -6.10 -15.92 5.97
CA LEU C 93 -5.49 -17.03 5.26
C LEU C 93 -4.94 -17.99 6.34
N ASP C 94 -5.85 -18.74 6.95
CA ASP C 94 -5.60 -19.43 8.21
C ASP C 94 -4.99 -20.82 8.07
N TRP C 95 -4.93 -21.35 6.85
CA TRP C 95 -4.22 -22.60 6.56
C TRP C 95 -2.76 -22.26 6.48
N GLU C 96 -1.91 -23.26 6.51
CA GLU C 96 -0.49 -22.98 6.55
C GLU C 96 -0.07 -22.14 5.34
N GLN C 97 0.91 -21.26 5.58
CA GLN C 97 1.46 -20.31 4.59
C GLN C 97 2.97 -20.29 4.65
N VAL C 98 3.56 -20.36 3.48
CA VAL C 98 5.00 -20.25 3.29
C VAL C 98 5.36 -19.24 2.22
N CYS C 99 6.57 -18.73 2.32
CA CYS C 99 7.11 -17.76 1.36
C CYS C 99 8.63 -17.66 1.65
N ASP C 100 9.44 -17.74 0.60
CA ASP C 100 10.89 -17.48 0.76
C ASP C 100 11.35 -16.12 0.19
N PHE C 101 10.38 -15.31 -0.23
CA PHE C 101 10.59 -13.94 -0.69
C PHE C 101 11.38 -13.82 -1.98
N GLY C 102 11.51 -14.90 -2.75
CA GLY C 102 12.19 -14.86 -4.05
C GLY C 102 11.37 -14.20 -5.17
N GLY C 103 10.03 -14.15 -5.02
CA GLY C 103 9.15 -13.54 -6.01
C GLY C 103 8.75 -14.38 -7.20
N LEU C 104 8.38 -13.69 -8.28
CA LEU C 104 7.76 -14.32 -9.41
C LEU C 104 8.60 -15.28 -10.16
N ASN C 105 9.90 -15.12 -10.10
CA ASN C 105 10.72 -15.99 -10.89
C ASN C 105 11.53 -16.86 -9.98
N SER C 106 11.04 -17.09 -8.75
CA SER C 106 11.71 -17.97 -7.78
C SER C 106 11.55 -19.45 -8.22
N GLU C 107 12.40 -20.30 -7.65
CA GLU C 107 12.48 -21.67 -8.09
CA GLU C 107 12.49 -21.69 -8.07
C GLU C 107 11.13 -22.40 -8.00
N VAL C 108 10.42 -22.27 -6.89
CA VAL C 108 9.11 -22.96 -6.81
C VAL C 108 8.17 -22.51 -7.92
N ALA C 109 8.20 -21.23 -8.27
CA ALA C 109 7.32 -20.73 -9.35
C ALA C 109 7.70 -21.31 -10.69
N LYS C 110 9.00 -21.43 -10.90
CA LYS C 110 9.52 -22.02 -12.10
C LYS C 110 9.20 -23.53 -12.20
N GLN C 111 9.47 -24.25 -11.12
CA GLN C 111 9.28 -25.72 -11.03
CA GLN C 111 9.26 -25.69 -11.16
C GLN C 111 7.80 -26.13 -11.23
N TYR C 112 6.90 -25.31 -10.68
CA TYR C 112 5.48 -25.51 -10.81
C TYR C 112 4.83 -24.84 -12.03
N SER C 113 5.65 -24.21 -12.89
CA SER C 113 5.14 -23.64 -14.17
C SER C 113 4.03 -22.66 -13.90
N ILE C 114 4.26 -21.80 -12.93
CA ILE C 114 3.24 -20.79 -12.60
C ILE C 114 3.25 -19.71 -13.65
N TYR C 115 2.22 -19.67 -14.50
CA TYR C 115 2.20 -18.63 -15.55
C TYR C 115 1.31 -17.43 -15.21
N LYS C 116 0.52 -17.61 -14.17
CA LYS C 116 -0.35 -16.57 -13.63
C LYS C 116 -0.71 -16.91 -12.21
N ILE C 117 -1.07 -15.89 -11.45
CA ILE C 117 -1.67 -16.14 -10.13
C ILE C 117 -3.05 -15.44 -10.06
N PRO C 118 -3.95 -15.93 -9.21
CA PRO C 118 -3.86 -17.17 -8.45
C PRO C 118 -3.75 -18.43 -9.32
N ALA C 119 -3.13 -19.44 -8.73
CA ALA C 119 -3.07 -20.76 -9.33
C ALA C 119 -3.20 -21.77 -8.19
N ASN C 120 -3.46 -23.00 -8.53
CA ASN C 120 -3.41 -24.07 -7.53
C ASN C 120 -3.09 -25.41 -8.19
N ILE C 121 -2.70 -26.33 -7.31
CA ILE C 121 -2.38 -27.70 -7.75
C ILE C 121 -2.78 -28.66 -6.63
N LEU C 122 -3.25 -29.85 -7.02
CA LEU C 122 -3.73 -30.83 -6.10
C LEU C 122 -2.89 -32.10 -6.24
N LEU C 123 -2.36 -32.58 -5.11
CA LEU C 123 -1.44 -33.74 -5.06
C LEU C 123 -2.10 -34.86 -4.27
N SER C 124 -1.83 -36.12 -4.66
CA SER C 124 -2.20 -37.28 -3.85
C SER C 124 -1.23 -37.40 -2.66
N SER C 125 -1.46 -38.34 -1.73
CA SER C 125 -0.56 -38.53 -0.59
CA SER C 125 -0.54 -38.47 -0.58
C SER C 125 0.88 -38.84 -0.98
N ASP C 126 1.06 -39.45 -2.16
CA ASP C 126 2.40 -39.81 -2.62
C ASP C 126 3.04 -38.73 -3.50
N GLY C 127 2.39 -37.57 -3.63
CA GLY C 127 2.97 -36.44 -4.34
C GLY C 127 2.65 -36.43 -5.81
N LYS C 128 1.80 -37.36 -6.26
CA LYS C 128 1.44 -37.37 -7.65
C LYS C 128 0.46 -36.23 -7.94
N ILE C 129 0.67 -35.53 -9.06
CA ILE C 129 -0.18 -34.40 -9.45
C ILE C 129 -1.48 -34.90 -9.99
N LEU C 130 -2.56 -34.54 -9.29
CA LEU C 130 -3.89 -34.97 -9.69
C LEU C 130 -4.65 -34.03 -10.57
N ALA C 131 -4.51 -32.73 -10.33
CA ALA C 131 -5.26 -31.70 -11.07
C ALA C 131 -4.53 -30.38 -10.85
N LYS C 132 -4.80 -29.40 -11.71
CA LYS C 132 -4.28 -28.04 -11.57
C LYS C 132 -5.40 -27.04 -11.81
N ASN C 133 -5.34 -25.94 -11.10
CA ASN C 133 -6.19 -24.80 -11.32
C ASN C 133 -7.69 -25.10 -11.20
N LEU C 134 -8.03 -25.82 -10.14
CA LEU C 134 -9.43 -26.23 -9.86
C LEU C 134 -10.15 -25.09 -9.26
N ARG C 135 -11.41 -24.92 -9.68
CA ARG C 135 -12.22 -23.84 -9.20
CA ARG C 135 -12.24 -23.88 -9.07
C ARG C 135 -13.64 -24.34 -8.96
N GLY C 136 -14.41 -23.57 -8.19
CA GLY C 136 -15.86 -23.73 -8.11
C GLY C 136 -16.30 -25.13 -7.74
N GLU C 137 -17.31 -25.61 -8.43
CA GLU C 137 -17.92 -26.86 -8.10
C GLU C 137 -16.93 -28.01 -8.34
N GLU C 138 -16.06 -27.86 -9.33
CA GLU C 138 -15.12 -28.92 -9.69
C GLU C 138 -14.10 -29.08 -8.54
N LEU C 139 -13.65 -27.97 -7.97
CA LEU C 139 -12.74 -28.02 -6.78
C LEU C 139 -13.47 -28.71 -5.62
N LYS C 140 -14.70 -28.30 -5.33
CA LYS C 140 -15.42 -28.90 -4.20
C LYS C 140 -15.58 -30.38 -4.40
N LYS C 141 -15.99 -30.79 -5.61
CA LYS C 141 -16.22 -32.18 -5.87
C LYS C 141 -14.97 -33.02 -5.70
N LYS C 142 -13.84 -32.52 -6.21
CA LYS C 142 -12.57 -33.28 -6.14
C LYS C 142 -12.17 -33.48 -4.68
N ILE C 143 -12.30 -32.45 -3.86
CA ILE C 143 -11.94 -32.59 -2.41
C ILE C 143 -12.90 -33.59 -1.76
N GLU C 144 -14.19 -33.44 -2.04
CA GLU C 144 -15.17 -34.40 -1.54
C GLU C 144 -14.79 -35.81 -1.87
N ASN C 145 -14.40 -36.05 -3.11
CA ASN C 145 -14.03 -37.39 -3.54
C ASN C 145 -12.80 -37.93 -2.77
N ILE C 146 -11.80 -37.06 -2.61
CA ILE C 146 -10.64 -37.44 -1.81
C ILE C 146 -11.02 -37.86 -0.38
N VAL C 147 -11.91 -37.10 0.23
CA VAL C 147 -12.33 -37.35 1.60
C VAL C 147 -13.14 -38.65 1.71
N GLU C 148 -13.99 -38.93 0.74
CA GLU C 148 -14.79 -40.17 0.74
CA GLU C 148 -14.78 -40.17 0.76
C GLU C 148 -13.90 -41.36 0.37
N GLU C 149 -12.87 -41.15 -0.46
CA GLU C 149 -11.88 -42.22 -0.75
C GLU C 149 -11.13 -42.65 0.53
N ALA C 150 -10.99 -41.71 1.46
CA ALA C 150 -10.37 -42.01 2.76
C ALA C 150 -9.02 -42.68 2.61
N ALA D 3 20.31 -9.71 -12.95
CA ALA D 3 21.36 -10.70 -13.33
C ALA D 3 21.77 -10.51 -14.78
N LYS D 4 20.78 -10.36 -15.67
CA LYS D 4 21.00 -10.01 -17.07
C LYS D 4 20.43 -8.63 -17.45
N SER D 5 19.76 -7.98 -16.50
CA SER D 5 19.11 -6.69 -16.71
C SER D 5 19.63 -5.74 -15.64
N GLU D 6 20.92 -5.90 -15.32
CA GLU D 6 21.59 -5.03 -14.38
CA GLU D 6 21.60 -5.04 -14.39
C GLU D 6 21.61 -3.57 -14.87
N ILE D 7 21.33 -2.63 -13.97
CA ILE D 7 21.47 -1.19 -14.28
C ILE D 7 22.91 -0.92 -14.76
N GLY D 8 23.04 -0.18 -15.86
CA GLY D 8 24.31 0.12 -16.50
C GLY D 8 24.65 -0.84 -17.66
N LYS D 9 24.03 -2.02 -17.69
CA LYS D 9 24.23 -2.94 -18.80
C LYS D 9 23.23 -2.70 -19.93
N TYR D 10 23.46 -3.31 -21.10
CA TYR D 10 22.53 -3.14 -22.22
C TYR D 10 21.37 -4.14 -22.06
N ALA D 11 20.18 -3.73 -22.48
CA ALA D 11 18.93 -4.47 -22.24
C ALA D 11 18.92 -5.77 -23.02
N PRO D 12 18.45 -6.84 -22.39
CA PRO D 12 18.25 -8.08 -23.16
C PRO D 12 17.39 -7.88 -24.39
N PHE D 13 17.73 -8.56 -25.47
CA PHE D 13 16.91 -8.49 -26.69
C PHE D 13 15.47 -8.97 -26.49
N PHE D 14 14.51 -8.35 -27.15
CA PHE D 14 13.14 -8.91 -27.23
C PHE D 14 12.53 -8.52 -28.56
N SER D 15 11.56 -9.31 -29.00
CA SER D 15 10.81 -9.09 -30.23
C SER D 15 9.44 -9.67 -29.89
N LEU D 16 8.46 -8.80 -29.68
CA LEU D 16 7.16 -9.25 -29.14
C LEU D 16 6.04 -8.65 -29.96
N PRO D 17 4.98 -9.43 -30.20
CA PRO D 17 3.91 -8.95 -31.06
C PRO D 17 2.97 -7.97 -30.40
N ASN D 18 2.59 -6.93 -31.15
CA ASN D 18 1.48 -6.11 -30.77
C ASN D 18 0.12 -6.77 -31.08
N ALA D 19 -0.99 -6.08 -30.87
CA ALA D 19 -2.29 -6.76 -30.95
C ALA D 19 -2.59 -7.21 -32.39
N LYS D 20 -1.94 -6.55 -33.33
CA LYS D 20 -2.06 -6.88 -34.75
C LYS D 20 -1.03 -7.89 -35.19
N GLY D 21 -0.20 -8.37 -34.26
CA GLY D 21 0.82 -9.38 -34.58
C GLY D 21 2.09 -8.87 -35.20
N GLU D 22 2.25 -7.56 -35.26
CA GLU D 22 3.50 -6.94 -35.72
CA GLU D 22 3.46 -6.94 -35.72
C GLU D 22 4.53 -7.06 -34.60
N LYS D 23 5.72 -7.53 -34.95
CA LYS D 23 6.76 -7.69 -33.96
C LYS D 23 7.44 -6.39 -33.64
N ILE D 24 7.52 -6.08 -32.34
CA ILE D 24 8.08 -4.87 -31.84
C ILE D 24 9.36 -5.13 -31.09
N THR D 25 10.36 -4.33 -31.37
CA THR D 25 11.63 -4.36 -30.67
C THR D 25 11.93 -2.95 -30.21
N ARG D 26 12.98 -2.79 -29.41
CA ARG D 26 13.39 -1.44 -29.01
C ARG D 26 13.85 -0.57 -30.17
N SER D 27 14.16 -1.18 -31.31
CA SER D 27 14.57 -0.48 -32.49
C SER D 27 13.48 -0.34 -33.53
N SER D 28 12.24 -0.71 -33.20
CA SER D 28 11.13 -0.44 -34.08
C SER D 28 11.05 1.07 -34.36
N ASP D 29 10.46 1.42 -35.50
CA ASP D 29 10.48 2.80 -35.97
C ASP D 29 9.97 3.82 -34.95
N ALA D 30 8.96 3.44 -34.19
CA ALA D 30 8.36 4.41 -33.22
C ALA D 30 9.31 4.71 -32.08
N PHE D 31 10.33 3.86 -31.87
CA PHE D 31 11.26 4.01 -30.74
C PHE D 31 12.70 4.32 -31.14
N LYS D 32 13.02 4.26 -32.44
CA LYS D 32 14.37 4.53 -32.89
C LYS D 32 14.88 5.84 -32.44
N GLN D 33 16.08 5.81 -31.90
CA GLN D 33 16.80 7.00 -31.45
CA GLN D 33 16.78 7.03 -31.49
C GLN D 33 16.08 7.75 -30.33
N LYS D 34 15.22 7.02 -29.62
CA LYS D 34 14.59 7.51 -28.43
C LYS D 34 14.95 6.65 -27.25
N SER D 35 14.99 7.28 -26.10
CA SER D 35 14.98 6.53 -24.84
C SER D 35 13.64 5.83 -24.75
N LEU D 36 13.58 4.78 -23.92
CA LEU D 36 12.39 3.95 -23.91
C LEU D 36 12.04 3.54 -22.49
N LEU D 37 10.81 3.90 -22.11
CA LEU D 37 10.23 3.52 -20.82
C LEU D 37 9.35 2.27 -21.09
N ILE D 38 9.75 1.14 -20.52
CA ILE D 38 9.01 -0.12 -20.68
C ILE D 38 8.32 -0.42 -19.34
N ASN D 39 7.01 -0.66 -19.39
CA ASN D 39 6.25 -1.04 -18.23
C ASN D 39 5.75 -2.48 -18.41
N PHE D 40 5.79 -3.24 -17.32
CA PHE D 40 5.34 -4.63 -17.27
C PHE D 40 4.12 -4.72 -16.38
N TRP D 41 3.14 -5.48 -16.83
CA TRP D 41 1.85 -5.53 -16.18
C TRP D 41 1.12 -6.82 -16.68
N ALA D 42 -0.06 -7.08 -16.17
CA ALA D 42 -0.96 -8.11 -16.70
C ALA D 42 -2.37 -7.77 -16.39
N SER D 43 -3.28 -8.12 -17.30
CA SER D 43 -4.69 -7.83 -17.11
C SER D 43 -5.28 -8.44 -15.87
N TRP D 44 -4.77 -9.59 -15.49
CA TRP D 44 -5.29 -10.27 -14.29
C TRP D 44 -4.88 -9.59 -12.96
N ASN D 45 -3.82 -8.78 -13.01
CA ASN D 45 -3.35 -8.07 -11.82
C ASN D 45 -3.95 -6.71 -11.78
N ASP D 46 -5.26 -6.61 -11.65
CA ASP D 46 -5.95 -5.32 -11.66
C ASP D 46 -6.00 -4.86 -10.19
N SER D 47 -4.80 -4.71 -9.62
CA SER D 47 -4.56 -4.40 -8.24
C SER D 47 -4.46 -2.91 -7.99
N ILE D 48 -4.44 -2.52 -6.72
CA ILE D 48 -4.22 -1.09 -6.40
CA ILE D 48 -4.22 -1.11 -6.34
C ILE D 48 -2.92 -0.55 -6.94
N SER D 49 -1.84 -1.35 -6.87
CA SER D 49 -0.55 -0.90 -7.33
CA SER D 49 -0.56 -0.90 -7.34
C SER D 49 -0.61 -0.67 -8.85
N GLN D 50 -1.27 -1.58 -9.55
CA GLN D 50 -1.39 -1.43 -10.99
C GLN D 50 -2.24 -0.25 -11.38
N LYS D 51 -3.35 -0.04 -10.68
CA LYS D 51 -4.15 1.16 -10.95
C LYS D 51 -3.32 2.45 -10.79
N GLN D 52 -2.46 2.50 -9.78
CA GLN D 52 -1.70 3.71 -9.56
C GLN D 52 -0.69 3.89 -10.66
N SER D 53 0.02 2.80 -10.97
CA SER D 53 0.99 2.83 -12.04
CA SER D 53 0.99 2.79 -12.05
C SER D 53 0.35 3.26 -13.36
N ASN D 54 -0.81 2.71 -13.68
CA ASN D 54 -1.49 3.09 -14.93
C ASN D 54 -1.80 4.58 -14.97
N SER D 55 -2.21 5.15 -13.83
CA SER D 55 -2.55 6.56 -13.78
CA SER D 55 -2.55 6.57 -13.77
C SER D 55 -1.33 7.40 -14.10
N GLU D 56 -0.21 7.04 -13.48
CA GLU D 56 1.04 7.75 -13.74
C GLU D 56 1.49 7.61 -15.18
N LEU D 57 1.38 6.39 -15.72
CA LEU D 57 1.82 6.18 -17.10
C LEU D 57 0.91 6.95 -18.09
N ARG D 58 -0.39 7.00 -17.82
CA ARG D 58 -1.32 7.75 -18.69
C ARG D 58 -0.96 9.22 -18.71
N GLU D 59 -0.57 9.77 -17.56
CA GLU D 59 -0.21 11.17 -17.52
CA GLU D 59 -0.16 11.17 -17.48
C GLU D 59 1.09 11.40 -18.30
N ILE D 60 2.04 10.47 -18.23
CA ILE D 60 3.28 10.65 -19.00
C ILE D 60 2.98 10.53 -20.49
N TYR D 61 2.14 9.58 -20.85
CA TYR D 61 1.76 9.46 -22.26
C TYR D 61 1.04 10.69 -22.79
N LYS D 62 0.09 11.22 -22.04
CA LYS D 62 -0.68 12.44 -22.46
C LYS D 62 0.31 13.58 -22.77
N LYS D 63 1.30 13.71 -21.92
CA LYS D 63 2.24 14.81 -22.06
C LYS D 63 3.28 14.60 -23.17
N TYR D 64 3.75 13.36 -23.32
CA TYR D 64 4.88 13.08 -24.21
C TYR D 64 4.62 12.18 -25.40
N LYS D 65 3.36 11.96 -25.73
CA LYS D 65 3.07 11.01 -26.83
C LYS D 65 3.70 11.38 -28.16
N LYS D 66 3.88 12.65 -28.43
CA LYS D 66 4.51 13.04 -29.71
C LYS D 66 5.96 13.46 -29.56
N ASN D 67 6.59 13.06 -28.45
CA ASN D 67 7.90 13.61 -28.13
C ASN D 67 8.99 12.90 -28.91
N LYS D 68 9.98 13.66 -29.38
CA LYS D 68 11.03 13.02 -30.19
C LYS D 68 12.14 12.32 -29.38
N TYR D 69 12.15 12.41 -28.05
CA TYR D 69 13.26 11.86 -27.24
C TYR D 69 12.87 10.71 -26.33
N ILE D 70 11.57 10.45 -26.19
CA ILE D 70 11.12 9.40 -25.24
C ILE D 70 9.94 8.66 -25.88
N GLY D 71 9.97 7.33 -25.79
CA GLY D 71 8.86 6.48 -26.20
C GLY D 71 8.47 5.57 -25.04
N MSE D 72 7.30 4.95 -25.16
CA MSE D 72 6.75 4.08 -24.12
C MSE D 72 6.27 2.78 -24.74
O MSE D 72 5.69 2.78 -25.83
CB MSE D 72 5.58 4.78 -23.45
CG MSE D 72 6.01 5.91 -22.55
SE MSE D 72 4.48 6.90 -21.89
CE MSE D 72 3.69 5.41 -20.85
N LEU D 73 6.51 1.67 -24.04
CA LEU D 73 6.07 0.36 -24.46
C LEU D 73 5.56 -0.41 -23.28
N GLY D 74 4.35 -0.98 -23.42
CA GLY D 74 3.79 -1.88 -22.37
C GLY D 74 4.02 -3.33 -22.77
N ILE D 75 4.60 -4.14 -21.89
CA ILE D 75 4.73 -5.55 -22.11
C ILE D 75 3.87 -6.24 -21.06
N SER D 76 2.90 -7.01 -21.53
CA SER D 76 2.05 -7.76 -20.65
C SER D 76 2.51 -9.17 -20.46
N LEU D 77 2.29 -9.70 -19.25
CA LEU D 77 2.55 -11.06 -18.95
C LEU D 77 1.25 -11.89 -18.95
N ASP D 78 0.23 -11.36 -19.58
CA ASP D 78 -1.02 -12.15 -19.87
C ASP D 78 -0.75 -13.36 -20.72
N VAL D 79 -1.63 -14.35 -20.58
CA VAL D 79 -1.70 -15.51 -21.44
C VAL D 79 -2.93 -15.56 -22.33
N ASP D 80 -3.89 -14.68 -22.08
CA ASP D 80 -5.16 -14.68 -22.78
C ASP D 80 -5.22 -13.39 -23.56
N LYS D 81 -5.27 -13.52 -24.89
CA LYS D 81 -5.23 -12.34 -25.76
C LYS D 81 -6.46 -11.45 -25.60
N GLN D 82 -7.61 -12.04 -25.35
CA GLN D 82 -8.83 -11.25 -25.25
C GLN D 82 -8.92 -10.48 -23.97
N GLN D 83 -8.44 -11.09 -22.89
CA GLN D 83 -8.37 -10.41 -21.60
CA GLN D 83 -8.41 -10.37 -21.64
C GLN D 83 -7.41 -9.24 -21.68
N TRP D 84 -6.29 -9.48 -22.34
CA TRP D 84 -5.28 -8.45 -22.57
C TRP D 84 -5.86 -7.28 -23.34
N LYS D 85 -6.45 -7.56 -24.51
CA LYS D 85 -7.00 -6.48 -25.33
C LYS D 85 -8.10 -5.70 -24.59
N ASP D 86 -8.91 -6.40 -23.84
CA ASP D 86 -10.03 -5.78 -23.13
C ASP D 86 -9.51 -4.81 -22.02
N ALA D 87 -8.40 -5.17 -21.36
CA ALA D 87 -7.77 -4.31 -20.41
C ALA D 87 -7.17 -3.08 -21.07
N ILE D 88 -6.55 -3.26 -22.23
CA ILE D 88 -5.99 -2.11 -22.96
C ILE D 88 -7.10 -1.10 -23.22
N LYS D 89 -8.26 -1.59 -23.63
CA LYS D 89 -9.43 -0.73 -23.82
C LYS D 89 -9.95 -0.06 -22.54
N ARG D 90 -10.22 -0.87 -21.54
CA ARG D 90 -10.76 -0.40 -20.26
C ARG D 90 -9.88 0.67 -19.66
N ASP D 91 -8.56 0.43 -19.69
CA ASP D 91 -7.60 1.22 -18.94
C ASP D 91 -6.88 2.25 -19.82
N THR D 92 -7.36 2.43 -21.07
CA THR D 92 -6.82 3.43 -21.99
CA THR D 92 -6.81 3.40 -22.02
C THR D 92 -5.28 3.35 -22.08
N LEU D 93 -4.78 2.14 -22.28
CA LEU D 93 -3.34 1.88 -22.40
C LEU D 93 -2.92 2.09 -23.87
N ASP D 94 -2.82 3.36 -24.24
CA ASP D 94 -2.81 3.76 -25.62
C ASP D 94 -1.43 3.89 -26.27
N TRP D 95 -0.41 3.75 -25.44
CA TRP D 95 0.94 3.59 -25.93
C TRP D 95 1.07 2.19 -26.47
N GLU D 96 2.15 1.91 -27.19
CA GLU D 96 2.32 0.60 -27.85
CA GLU D 96 2.28 0.60 -27.85
C GLU D 96 2.21 -0.50 -26.81
N GLN D 97 1.49 -1.58 -27.14
CA GLN D 97 1.34 -2.73 -26.22
C GLN D 97 1.69 -4.03 -26.92
N VAL D 98 2.53 -4.83 -26.28
CA VAL D 98 2.89 -6.14 -26.77
C VAL D 98 2.67 -7.20 -25.71
N CYS D 99 2.59 -8.45 -26.20
CA CYS D 99 2.37 -9.65 -25.36
C CYS D 99 2.52 -10.87 -26.24
N ASP D 100 3.41 -11.80 -25.86
CA ASP D 100 3.48 -13.07 -26.54
C ASP D 100 2.72 -14.23 -25.92
N PHE D 101 1.93 -13.92 -24.89
CA PHE D 101 1.05 -14.92 -24.18
C PHE D 101 1.81 -16.03 -23.51
N GLY D 102 3.09 -15.79 -23.20
CA GLY D 102 3.91 -16.74 -22.50
C GLY D 102 3.78 -16.74 -20.97
N GLY D 103 3.30 -15.64 -20.42
CA GLY D 103 2.97 -15.57 -18.99
C GLY D 103 4.18 -15.26 -18.12
N LEU D 104 4.02 -15.49 -16.82
CA LEU D 104 4.96 -14.94 -15.83
C LEU D 104 6.33 -15.51 -15.89
N ASN D 105 6.45 -16.69 -16.43
CA ASN D 105 7.76 -17.34 -16.49
CA ASN D 105 7.75 -17.35 -16.50
C ASN D 105 8.24 -17.40 -17.94
N SER D 106 7.75 -16.48 -18.76
CA SER D 106 8.19 -16.41 -20.15
C SER D 106 9.63 -15.87 -20.17
N GLU D 107 10.29 -16.03 -21.33
CA GLU D 107 11.68 -15.62 -21.42
CA GLU D 107 11.68 -15.58 -21.46
C GLU D 107 11.86 -14.11 -21.08
N VAL D 108 10.99 -13.22 -21.59
CA VAL D 108 11.17 -11.81 -21.32
C VAL D 108 11.08 -11.51 -19.83
N ALA D 109 10.13 -12.15 -19.14
CA ALA D 109 10.00 -11.96 -17.72
C ALA D 109 11.24 -12.43 -16.98
N LYS D 110 11.81 -13.57 -17.39
CA LYS D 110 13.04 -14.09 -16.77
C LYS D 110 14.23 -13.18 -17.08
N GLN D 111 14.38 -12.78 -18.33
CA GLN D 111 15.50 -11.93 -18.76
CA GLN D 111 15.54 -11.97 -18.69
C GLN D 111 15.52 -10.57 -18.09
N TYR D 112 14.33 -10.03 -17.84
CA TYR D 112 14.16 -8.71 -17.16
C TYR D 112 13.99 -8.81 -15.66
N SER D 113 14.16 -10.02 -15.13
CA SER D 113 14.09 -10.33 -13.68
C SER D 113 12.87 -9.66 -13.08
N ILE D 114 11.73 -9.91 -13.66
CA ILE D 114 10.51 -9.30 -13.11
C ILE D 114 10.13 -10.13 -11.85
N TYR D 115 10.34 -9.60 -10.66
CA TYR D 115 9.98 -10.36 -9.46
C TYR D 115 8.58 -10.04 -8.94
N LYS D 116 8.00 -8.98 -9.46
CA LYS D 116 6.60 -8.59 -9.20
C LYS D 116 6.10 -7.65 -10.30
N ILE D 117 4.80 -7.49 -10.43
CA ILE D 117 4.21 -6.51 -11.33
C ILE D 117 3.27 -5.63 -10.51
N PRO D 118 3.13 -4.38 -10.90
CA PRO D 118 3.78 -3.67 -12.02
C PRO D 118 5.26 -3.49 -11.77
N ALA D 119 5.96 -3.33 -12.87
CA ALA D 119 7.40 -3.03 -12.87
C ALA D 119 7.67 -2.15 -14.07
N ASN D 120 8.78 -1.44 -14.05
CA ASN D 120 9.21 -0.69 -15.21
C ASN D 120 10.72 -0.64 -15.31
N ILE D 121 11.19 -0.30 -16.50
CA ILE D 121 12.64 -0.17 -16.79
C ILE D 121 12.82 0.92 -17.81
N LEU D 122 13.86 1.73 -17.65
CA LEU D 122 14.10 2.85 -18.53
C LEU D 122 15.42 2.60 -19.28
N LEU D 123 15.39 2.70 -20.61
CA LEU D 123 16.55 2.46 -21.50
C LEU D 123 16.92 3.74 -22.19
N SER D 124 18.23 3.99 -22.35
CA SER D 124 18.67 5.07 -23.18
C SER D 124 18.36 4.78 -24.62
N SER D 125 18.64 5.75 -25.51
CA SER D 125 18.40 5.51 -26.94
C SER D 125 19.30 4.43 -27.52
N ASP D 126 20.41 4.12 -26.85
CA ASP D 126 21.30 3.02 -27.24
C ASP D 126 20.99 1.70 -26.57
N GLY D 127 19.94 1.65 -25.73
CA GLY D 127 19.52 0.45 -25.06
C GLY D 127 20.14 0.20 -23.69
N LYS D 128 20.86 1.19 -23.14
CA LYS D 128 21.46 1.01 -21.81
C LYS D 128 20.36 1.10 -20.76
N ILE D 129 20.38 0.19 -19.81
CA ILE D 129 19.44 0.26 -18.64
C ILE D 129 19.90 1.37 -17.69
N LEU D 130 19.07 2.43 -17.60
CA LEU D 130 19.34 3.62 -16.82
C LEU D 130 18.77 3.50 -15.41
N ALA D 131 17.63 2.83 -15.28
CA ALA D 131 16.86 2.84 -14.03
C ALA D 131 15.78 1.78 -14.10
N LYS D 132 15.36 1.31 -12.93
CA LYS D 132 14.27 0.37 -12.82
C LYS D 132 13.28 0.86 -11.78
N ASN D 133 12.00 0.58 -12.03
CA ASN D 133 10.94 0.76 -11.05
C ASN D 133 10.82 2.17 -10.55
N LEU D 134 10.82 3.09 -11.48
CA LEU D 134 10.73 4.53 -11.14
C LEU D 134 9.29 4.86 -10.98
N ARG D 135 8.95 5.67 -9.97
CA ARG D 135 7.56 6.04 -9.73
CA ARG D 135 7.58 6.01 -9.62
C ARG D 135 7.46 7.50 -9.32
N GLY D 136 6.25 8.02 -9.43
CA GLY D 136 5.93 9.31 -8.84
C GLY D 136 6.72 10.45 -9.41
N GLU D 137 7.09 11.38 -8.54
CA GLU D 137 7.90 12.52 -8.96
CA GLU D 137 7.90 12.54 -8.94
C GLU D 137 9.28 12.13 -9.45
N GLU D 138 9.87 11.06 -8.90
CA GLU D 138 11.18 10.62 -9.38
C GLU D 138 11.07 10.24 -10.89
N LEU D 139 10.04 9.51 -11.23
CA LEU D 139 9.79 9.17 -12.66
C LEU D 139 9.59 10.42 -13.51
N LYS D 140 8.71 11.31 -13.07
CA LYS D 140 8.43 12.52 -13.84
C LYS D 140 9.67 13.31 -14.11
N LYS D 141 10.49 13.46 -13.09
CA LYS D 141 11.73 14.21 -13.19
CA LYS D 141 11.72 14.24 -13.23
C LYS D 141 12.72 13.56 -14.16
N LYS D 142 12.77 12.23 -14.14
CA LYS D 142 13.73 11.53 -14.96
C LYS D 142 13.34 11.76 -16.44
N ILE D 143 12.06 11.69 -16.74
CA ILE D 143 11.59 11.84 -18.13
C ILE D 143 11.80 13.30 -18.55
N GLU D 144 11.50 14.25 -17.63
CA GLU D 144 11.85 15.65 -17.93
C GLU D 144 13.28 15.89 -18.32
N ASN D 145 14.23 15.32 -17.58
CA ASN D 145 15.66 15.47 -17.85
C ASN D 145 16.00 14.90 -19.21
N ILE D 146 15.45 13.75 -19.53
CA ILE D 146 15.69 13.13 -20.87
C ILE D 146 15.20 14.02 -22.02
N VAL D 147 14.03 14.63 -21.87
CA VAL D 147 13.44 15.43 -22.88
C VAL D 147 14.22 16.77 -22.97
N GLU D 148 14.79 17.20 -21.84
CA GLU D 148 15.67 18.38 -21.79
C GLU D 148 17.03 18.08 -22.44
N GLU D 149 17.62 16.91 -22.12
CA GLU D 149 18.89 16.47 -22.70
CA GLU D 149 18.91 16.58 -22.69
C GLU D 149 18.75 16.58 -24.21
N ALA D 150 17.61 16.11 -24.72
CA ALA D 150 17.38 16.13 -26.18
C ALA D 150 18.42 15.25 -26.88
C ACT E . 1.01 23.57 5.28
O ACT E . 0.64 24.28 6.22
OXT ACT E . 2.07 22.97 5.42
CH3 ACT E . 0.16 23.44 4.07
C ACT F . 3.81 24.28 2.63
O ACT F . 2.60 24.04 2.55
OXT ACT F . 4.26 25.16 1.86
CH3 ACT F . 4.69 23.52 3.59
C ACT G . -25.54 1.91 13.97
O ACT G . -26.69 2.36 13.67
OXT ACT G . -25.04 1.16 13.10
CH3 ACT G . -24.80 2.24 15.23
C1 EDO H . 12.80 -9.75 3.02
O1 EDO H . 13.00 -10.76 4.03
C2 EDO H . 11.31 -9.53 2.85
O2 EDO H . 10.85 -8.25 3.40
C ACT I . 23.23 7.82 -21.02
O ACT I . 23.50 8.27 -19.91
OXT ACT I . 24.06 6.98 -21.42
CH3 ACT I . 21.96 8.26 -21.74
#